data_8WK2
#
_entry.id   8WK2
#
_cell.length_a   76.908
_cell.length_b   83.814
_cell.length_c   61.997
_cell.angle_alpha   90.00
_cell.angle_beta   100.92
_cell.angle_gamma   90.00
#
_symmetry.space_group_name_H-M   'C 1 2 1'
#
loop_
_entity.id
_entity.type
_entity.pdbx_description
1 polymer '4-hydroxyphenylpyruvate dioxygenase'
2 non-polymer 'COBALT (II) ION'
3 non-polymer 1,5-dimethyl-3-(2-methylphenyl)-6-(2-oxidanyl-6-oxidanylidene-cyclohexen-1-yl)carbonyl-quinazoline-2,4-dione
4 water water
#
_entity_poly.entity_id   1
_entity_poly.type   'polypeptide(L)'
_entity_poly.pdbx_seq_one_letter_code
;GSHMVRKNPKSDKFKVKRFHHIEFWCGDATNVARRFSWGLGMRFSAKSDLSTGNMVHASYLLTSGDLRFLFTAPYSPSLS
AGEIKPTTTASIPSFDHGSCRSFFSSHGLGVRAVAIEVEDAESAFSISVANGAIPSSPPIVLNEAVTIAEVKLYGDVVLR
YVSYKAEDTEKSEFLPGFERVEDASSFPLDYGIRRLDHAVGNVPELGPALTYVAGFTGFHQFAEFTADDVGTAESGLNSA
VLASNDEMVLLPINEPVHGTKRKSQIQTYLEHNEGAGLQHLALMSEDIFRTLREMRKRSSIGGFDFMPSPPPTYYQNLKK
RVGDVLSDDQIKECEELGILVDRDDQGTLLQIFTKPLGDRPTIFIEIIQRVGCMMKDEEGKAYQSGGCGGYGKGNFSELF
KSIEEYEKTLEAKQLVG
;
_entity_poly.pdbx_strand_id   A
#
loop_
_chem_comp.id
_chem_comp.type
_chem_comp.name
_chem_comp.formula
92X non-polymer 1,5-dimethyl-3-(2-methylphenyl)-6-(2-oxidanyl-6-oxidanylidene-cyclohexen-1-yl)carbonyl-quinazoline-2,4-dione 'C24 H22 N2 O5'
CO non-polymer 'COBALT (II) ION' 'Co 2'
#
# COMPACT_ATOMS: atom_id res chain seq x y z
N LYS A 7 17.04 5.70 -17.41
CA LYS A 7 16.32 6.49 -18.39
C LYS A 7 14.81 6.47 -18.11
N ASN A 8 14.18 7.63 -18.22
CA ASN A 8 12.75 7.80 -17.92
C ASN A 8 12.06 8.38 -19.15
N PRO A 9 11.36 7.56 -19.94
CA PRO A 9 10.75 8.06 -21.17
C PRO A 9 9.51 8.92 -20.96
N LYS A 10 8.97 8.99 -19.74
CA LYS A 10 7.84 9.85 -19.39
C LYS A 10 6.65 9.62 -20.34
N SER A 11 6.16 8.38 -20.35
CA SER A 11 5.17 7.96 -21.34
C SER A 11 3.76 7.79 -20.79
N ASP A 12 3.45 8.36 -19.60
CA ASP A 12 2.11 8.27 -19.02
C ASP A 12 1.06 8.71 -20.04
N LYS A 13 0.03 7.87 -20.21
CA LYS A 13 -1.01 8.19 -21.17
C LYS A 13 -2.02 9.20 -20.65
N PHE A 14 -1.99 9.52 -19.36
CA PHE A 14 -2.82 10.57 -18.78
C PHE A 14 -2.04 11.18 -17.62
N LYS A 15 -2.52 12.32 -17.13
CA LYS A 15 -1.83 13.05 -16.07
C LYS A 15 -2.12 12.41 -14.72
N VAL A 16 -1.06 11.91 -14.07
CA VAL A 16 -1.12 11.27 -12.77
C VAL A 16 -0.45 12.18 -11.75
N LYS A 17 -1.08 12.36 -10.58
CA LYS A 17 -0.49 13.22 -9.57
C LYS A 17 0.19 12.39 -8.49
N ARG A 18 -0.56 11.90 -7.50
CA ARG A 18 0.04 11.14 -6.41
C ARG A 18 -0.91 10.01 -5.99
N PHE A 19 -0.36 9.10 -5.19
CA PHE A 19 -1.20 8.16 -4.46
C PHE A 19 -2.24 8.95 -3.67
N HIS A 20 -3.49 8.49 -3.70
CA HIS A 20 -4.56 9.19 -3.01
C HIS A 20 -5.02 8.46 -1.76
N HIS A 21 -5.35 7.18 -1.89
CA HIS A 21 -5.75 6.39 -0.73
C HIS A 21 -5.62 4.92 -1.08
N ILE A 22 -5.67 4.09 -0.04
CA ILE A 22 -5.70 2.65 -0.15
C ILE A 22 -6.98 2.21 0.55
N GLU A 23 -7.79 1.37 -0.10
CA GLU A 23 -9.01 0.89 0.53
C GLU A 23 -8.92 -0.61 0.82
N PHE A 24 -9.10 -0.98 2.08
CA PHE A 24 -9.21 -2.36 2.52
C PHE A 24 -10.68 -2.77 2.51
N TRP A 25 -10.94 -3.97 1.99
CA TRP A 25 -12.26 -4.57 2.12
C TRP A 25 -12.22 -5.55 3.28
N CYS A 26 -13.19 -5.40 4.18
CA CYS A 26 -13.15 -5.99 5.52
C CYS A 26 -14.44 -6.75 5.76
N GLY A 27 -14.43 -7.57 6.80
CA GLY A 27 -15.69 -8.09 7.27
C GLY A 27 -16.36 -7.17 8.27
N ASP A 28 -15.54 -6.58 9.15
CA ASP A 28 -15.97 -5.56 10.09
C ASP A 28 -15.00 -4.40 10.00
N ALA A 29 -15.44 -3.28 9.41
CA ALA A 29 -14.51 -2.18 9.21
C ALA A 29 -14.11 -1.53 10.53
N THR A 30 -15.03 -1.48 11.50
CA THR A 30 -14.75 -0.84 12.78
C THR A 30 -13.54 -1.45 13.46
N ASN A 31 -13.52 -2.78 13.59
CA ASN A 31 -12.45 -3.40 14.37
C ASN A 31 -11.12 -3.32 13.64
N VAL A 32 -11.11 -3.49 12.31
CA VAL A 32 -9.83 -3.34 11.60
C VAL A 32 -9.34 -1.91 11.69
N ALA A 33 -10.24 -0.93 11.47
CA ALA A 33 -9.79 0.47 11.51
C ALA A 33 -9.27 0.84 12.90
N ARG A 34 -9.92 0.37 13.97
CA ARG A 34 -9.42 0.73 15.31
C ARG A 34 -8.05 0.11 15.59
N ARG A 35 -7.87 -1.15 15.18
CA ARG A 35 -6.58 -1.81 15.34
C ARG A 35 -5.50 -1.07 14.57
N PHE A 36 -5.76 -0.75 13.31
CA PHE A 36 -4.75 -0.07 12.50
C PHE A 36 -4.43 1.31 13.06
N SER A 37 -5.46 2.02 13.53
CA SER A 37 -5.26 3.37 14.06
C SER A 37 -4.25 3.34 15.19
N TRP A 38 -4.46 2.42 16.13
CA TRP A 38 -3.55 2.30 17.28
C TRP A 38 -2.18 1.78 16.86
N GLY A 39 -2.15 0.77 15.98
CA GLY A 39 -0.88 0.14 15.63
C GLY A 39 0.04 1.01 14.80
N LEU A 40 -0.52 1.88 13.95
CA LEU A 40 0.24 2.70 13.01
C LEU A 40 0.25 4.18 13.38
N GLY A 41 -0.55 4.59 14.34
CA GLY A 41 -0.59 5.98 14.75
C GLY A 41 -1.28 6.83 13.72
N MET A 42 -2.46 6.40 13.30
CA MET A 42 -3.24 7.10 12.32
C MET A 42 -4.51 7.59 12.97
N ARG A 43 -4.94 8.78 12.58
CA ARG A 43 -6.10 9.43 13.17
C ARG A 43 -7.36 9.07 12.40
N PHE A 44 -8.46 8.90 13.13
CA PHE A 44 -9.77 8.78 12.47
C PHE A 44 -10.16 10.13 11.90
N SER A 45 -10.30 10.23 10.58
CA SER A 45 -10.56 11.55 10.01
C SER A 45 -11.85 11.68 9.21
N ALA A 46 -12.46 10.60 8.73
CA ALA A 46 -13.76 10.74 8.07
C ALA A 46 -14.52 9.43 8.15
N LYS A 47 -15.84 9.51 8.03
CA LYS A 47 -16.68 8.32 8.07
C LYS A 47 -17.84 8.46 7.11
N SER A 48 -18.32 7.31 6.65
CA SER A 48 -19.55 7.21 5.88
C SER A 48 -20.18 5.90 6.34
N ASP A 49 -21.30 6.00 7.06
CA ASP A 49 -21.88 4.80 7.64
C ASP A 49 -23.35 5.10 7.95
N LEU A 50 -24.00 4.25 8.75
CA LEU A 50 -25.40 4.49 9.07
C LEU A 50 -25.60 5.89 9.64
N SER A 51 -24.66 6.36 10.46
CA SER A 51 -24.86 7.67 11.08
C SER A 51 -24.77 8.82 10.09
N THR A 52 -24.31 8.57 8.86
CA THR A 52 -24.28 9.60 7.82
C THR A 52 -25.31 9.33 6.73
N GLY A 53 -26.19 8.35 6.92
CA GLY A 53 -27.22 8.04 5.96
C GLY A 53 -26.84 6.96 4.97
N ASN A 54 -25.67 6.35 5.09
CA ASN A 54 -25.24 5.29 4.20
C ASN A 54 -25.81 3.97 4.72
N MET A 55 -26.77 3.40 3.98
CA MET A 55 -27.42 2.14 4.36
C MET A 55 -26.76 0.93 3.70
N VAL A 56 -25.67 1.15 2.96
CA VAL A 56 -25.07 0.14 2.11
C VAL A 56 -23.77 -0.38 2.70
N HIS A 57 -22.84 0.50 3.01
CA HIS A 57 -21.54 0.10 3.52
C HIS A 57 -21.08 1.02 4.64
N ALA A 58 -20.24 0.47 5.50
CA ALA A 58 -19.58 1.22 6.56
C ALA A 58 -18.15 1.47 6.11
N SER A 59 -17.76 2.74 6.02
CA SER A 59 -16.42 3.09 5.56
C SER A 59 -15.79 4.09 6.53
N TYR A 60 -14.57 3.78 7.00
CA TYR A 60 -13.88 4.65 7.94
C TYR A 60 -12.50 5.01 7.40
N LEU A 61 -12.15 6.28 7.50
CA LEU A 61 -10.91 6.79 6.93
C LEU A 61 -9.93 7.14 8.03
N LEU A 62 -8.72 6.57 7.95
CA LEU A 62 -7.60 6.93 8.82
C LEU A 62 -6.59 7.74 8.03
N THR A 63 -5.98 8.73 8.66
CA THR A 63 -4.96 9.52 8.00
C THR A 63 -3.71 9.65 8.87
N SER A 64 -2.57 9.71 8.21
CA SER A 64 -1.33 10.12 8.86
C SER A 64 -0.54 10.91 7.82
N GLY A 65 -0.40 12.21 8.05
CA GLY A 65 0.18 13.04 7.00
C GLY A 65 -0.68 12.96 5.74
N ASP A 66 -0.06 12.62 4.61
CA ASP A 66 -0.81 12.45 3.36
C ASP A 66 -1.29 11.03 3.16
N LEU A 67 -0.96 10.11 4.05
CA LEU A 67 -1.38 8.72 3.91
C LEU A 67 -2.85 8.60 4.28
N ARG A 68 -3.64 7.95 3.43
CA ARG A 68 -5.07 7.75 3.66
C ARG A 68 -5.37 6.27 3.53
N PHE A 69 -5.80 5.65 4.64
CA PHE A 69 -6.25 4.25 4.67
C PHE A 69 -7.75 4.24 4.89
N LEU A 70 -8.49 3.63 3.96
CA LEU A 70 -9.94 3.48 4.05
C LEU A 70 -10.30 2.03 4.34
N PHE A 71 -11.23 1.82 5.28
CA PHE A 71 -11.69 0.49 5.68
C PHE A 71 -13.18 0.42 5.46
N THR A 72 -13.62 -0.56 4.66
CA THR A 72 -15.01 -0.67 4.24
C THR A 72 -15.51 -2.08 4.40
N ALA A 73 -16.76 -2.21 4.87
CA ALA A 73 -17.43 -3.49 5.02
C ALA A 73 -18.90 -3.31 4.65
N PRO A 74 -19.56 -4.37 4.20
CA PRO A 74 -20.97 -4.25 3.82
C PRO A 74 -21.89 -4.43 5.01
N TYR A 75 -23.02 -3.70 4.99
CA TYR A 75 -24.13 -3.99 5.88
C TYR A 75 -24.98 -5.11 5.29
N SER A 76 -26.00 -5.52 6.02
CA SER A 76 -27.00 -6.43 5.46
C SER A 76 -27.58 -5.82 4.19
N PRO A 77 -27.64 -6.56 3.08
CA PRO A 77 -28.32 -6.03 1.89
C PRO A 77 -29.76 -5.63 2.18
N SER A 78 -30.39 -6.20 3.21
CA SER A 78 -31.78 -5.89 3.51
C SER A 78 -31.99 -4.41 3.79
N LEU A 79 -30.97 -3.72 4.35
CA LEU A 79 -31.16 -2.31 4.71
C LEU A 79 -31.36 -1.43 3.49
N SER A 80 -30.83 -1.86 2.34
CA SER A 80 -30.85 -1.06 1.14
C SER A 80 -31.61 -1.76 0.02
N ALA A 81 -32.45 -2.74 0.37
CA ALA A 81 -33.05 -3.60 -0.65
C ALA A 81 -33.96 -2.83 -1.58
N GLY A 82 -34.50 -1.69 -1.12
CA GLY A 82 -35.36 -0.89 -1.96
C GLY A 82 -34.65 0.05 -2.86
N GLU A 83 -33.33 0.20 -2.67
CA GLU A 83 -32.54 1.12 -3.45
C GLU A 83 -32.22 0.54 -4.82
N ILE A 84 -32.00 1.43 -5.77
CA ILE A 84 -31.38 1.10 -7.05
C ILE A 84 -30.20 2.06 -7.19
N LYS A 85 -29.33 1.78 -8.15
CA LYS A 85 -28.15 2.62 -8.29
C LYS A 85 -28.49 4.11 -8.39
N PRO A 86 -29.51 4.55 -9.15
CA PRO A 86 -29.87 5.97 -9.15
C PRO A 86 -30.25 6.54 -7.79
N THR A 87 -30.76 5.72 -6.87
CA THR A 87 -31.20 6.18 -5.55
C THR A 87 -30.28 5.69 -4.43
N THR A 88 -29.06 5.24 -4.75
CA THR A 88 -28.22 4.61 -3.74
C THR A 88 -27.87 5.59 -2.63
N THR A 89 -27.72 5.05 -1.41
CA THR A 89 -27.16 5.80 -0.30
C THR A 89 -25.67 5.50 -0.10
N ALA A 90 -25.08 4.62 -0.91
CA ALA A 90 -23.65 4.39 -0.85
C ALA A 90 -22.89 5.65 -1.24
N SER A 91 -21.82 5.95 -0.50
CA SER A 91 -20.96 7.07 -0.86
C SER A 91 -19.87 6.69 -1.84
N ILE A 92 -19.61 5.39 -1.97
CA ILE A 92 -18.66 4.92 -2.98
C ILE A 92 -19.47 4.12 -3.99
N PRO A 93 -19.86 4.73 -5.11
CA PRO A 93 -20.83 4.08 -6.00
C PRO A 93 -20.34 2.79 -6.61
N SER A 94 -19.03 2.56 -6.68
CA SER A 94 -18.55 1.27 -7.17
C SER A 94 -18.79 0.12 -6.21
N PHE A 95 -19.13 0.39 -4.96
CA PHE A 95 -19.29 -0.70 -4.00
C PHE A 95 -20.42 -1.64 -4.41
N ASP A 96 -20.21 -2.93 -4.16
CA ASP A 96 -21.22 -3.94 -4.38
C ASP A 96 -21.16 -4.97 -3.27
N HIS A 97 -22.29 -5.24 -2.60
CA HIS A 97 -22.32 -6.21 -1.51
C HIS A 97 -21.71 -7.54 -1.94
N GLY A 98 -22.19 -8.07 -3.06
CA GLY A 98 -21.72 -9.37 -3.52
C GLY A 98 -20.23 -9.39 -3.81
N SER A 99 -19.73 -8.36 -4.49
CA SER A 99 -18.30 -8.28 -4.77
C SER A 99 -17.49 -8.24 -3.49
N CYS A 100 -17.93 -7.45 -2.54
CA CYS A 100 -17.18 -7.30 -1.30
C CYS A 100 -17.18 -8.59 -0.51
N ARG A 101 -18.33 -9.23 -0.38
CA ARG A 101 -18.36 -10.50 0.35
C ARG A 101 -17.53 -11.57 -0.34
N SER A 102 -17.58 -11.61 -1.68
CA SER A 102 -16.81 -12.61 -2.42
C SER A 102 -15.31 -12.35 -2.30
N PHE A 103 -14.90 -11.08 -2.40
CA PHE A 103 -13.50 -10.70 -2.19
C PHE A 103 -13.00 -11.18 -0.83
N PHE A 104 -13.73 -10.85 0.24
CA PHE A 104 -13.24 -11.20 1.57
C PHE A 104 -13.28 -12.71 1.81
N SER A 105 -14.31 -13.39 1.32
CA SER A 105 -14.35 -14.85 1.39
C SER A 105 -13.15 -15.46 0.69
N SER A 106 -12.81 -14.94 -0.48
CA SER A 106 -11.75 -15.52 -1.29
C SER A 106 -10.38 -15.20 -0.71
N HIS A 107 -10.15 -13.94 -0.37
CA HIS A 107 -8.81 -13.46 -0.05
C HIS A 107 -8.57 -13.15 1.42
N GLY A 108 -9.62 -13.06 2.25
CA GLY A 108 -9.46 -12.51 3.58
C GLY A 108 -9.19 -11.01 3.49
N LEU A 109 -8.84 -10.43 4.65
CA LEU A 109 -8.56 -9.01 4.75
C LEU A 109 -7.45 -8.58 3.81
N GLY A 110 -7.71 -7.54 3.03
CA GLY A 110 -6.71 -7.12 2.06
C GLY A 110 -7.14 -5.86 1.33
N VAL A 111 -6.26 -5.41 0.44
CA VAL A 111 -6.49 -4.19 -0.32
C VAL A 111 -7.37 -4.50 -1.53
N ARG A 112 -8.49 -3.80 -1.63
CA ARG A 112 -9.34 -3.85 -2.81
C ARG A 112 -8.93 -2.79 -3.83
N ALA A 113 -8.57 -1.59 -3.37
CA ALA A 113 -8.33 -0.47 -4.28
C ALA A 113 -7.03 0.25 -3.95
N VAL A 114 -6.19 0.41 -4.98
CA VAL A 114 -5.05 1.32 -4.96
C VAL A 114 -5.51 2.57 -5.71
N ALA A 115 -5.71 3.67 -5.00
CA ALA A 115 -6.32 4.85 -5.61
C ALA A 115 -5.26 5.90 -5.86
N ILE A 116 -5.24 6.43 -7.08
CA ILE A 116 -4.33 7.51 -7.42
C ILE A 116 -5.14 8.72 -7.86
N GLU A 117 -4.67 9.90 -7.50
CA GLU A 117 -5.32 11.13 -7.94
C GLU A 117 -4.80 11.46 -9.33
N VAL A 118 -5.72 11.78 -10.23
CA VAL A 118 -5.41 12.12 -11.60
C VAL A 118 -6.06 13.46 -11.95
N GLU A 119 -5.68 14.00 -13.10
CA GLU A 119 -6.24 15.27 -13.51
C GLU A 119 -7.72 15.13 -13.88
N ASP A 120 -8.08 14.02 -14.53
CA ASP A 120 -9.44 13.83 -15.05
C ASP A 120 -9.71 12.33 -15.03
N ALA A 121 -10.50 11.87 -14.06
CA ALA A 121 -10.73 10.43 -13.90
C ALA A 121 -11.50 9.84 -15.07
N GLU A 122 -12.41 10.62 -15.66
CA GLU A 122 -13.11 10.12 -16.85
C GLU A 122 -12.13 9.92 -18.01
N SER A 123 -11.28 10.91 -18.27
CA SER A 123 -10.27 10.76 -19.31
C SER A 123 -9.33 9.59 -19.01
N ALA A 124 -8.83 9.51 -17.77
CA ALA A 124 -7.93 8.41 -17.42
C ALA A 124 -8.59 7.06 -17.67
N PHE A 125 -9.88 6.93 -17.32
CA PHE A 125 -10.58 5.67 -17.52
C PHE A 125 -10.69 5.32 -18.99
N SER A 126 -11.16 6.28 -19.80
CA SER A 126 -11.35 6.02 -21.23
C SER A 126 -10.04 5.66 -21.91
N ILE A 127 -8.99 6.45 -21.66
CA ILE A 127 -7.68 6.15 -22.24
C ILE A 127 -7.18 4.80 -21.74
N SER A 128 -7.39 4.49 -20.46
CA SER A 128 -6.93 3.20 -19.94
C SER A 128 -7.63 2.05 -20.67
N VAL A 129 -8.95 2.10 -20.79
CA VAL A 129 -9.64 0.99 -21.42
C VAL A 129 -9.35 0.95 -22.93
N ALA A 130 -9.18 2.11 -23.57
CA ALA A 130 -8.80 2.08 -24.98
C ALA A 130 -7.45 1.43 -25.18
N ASN A 131 -6.64 1.33 -24.12
CA ASN A 131 -5.31 0.76 -24.19
C ASN A 131 -5.19 -0.56 -23.44
N GLY A 132 -6.30 -1.27 -23.25
CA GLY A 132 -6.26 -2.63 -22.76
C GLY A 132 -6.79 -2.83 -21.35
N ALA A 133 -7.02 -1.76 -20.61
CA ALA A 133 -7.49 -1.93 -19.23
C ALA A 133 -8.85 -2.60 -19.20
N ILE A 134 -9.02 -3.55 -18.27
CA ILE A 134 -10.30 -4.21 -18.07
C ILE A 134 -11.13 -3.33 -17.16
N PRO A 135 -12.26 -2.82 -17.63
CA PRO A 135 -13.05 -1.90 -16.80
C PRO A 135 -13.66 -2.61 -15.60
N SER A 136 -13.73 -1.88 -14.49
CA SER A 136 -14.31 -2.40 -13.26
C SER A 136 -15.48 -1.56 -12.78
N SER A 137 -15.37 -0.26 -12.86
CA SER A 137 -16.47 0.63 -12.50
C SER A 137 -16.34 1.90 -13.31
N PRO A 138 -17.36 2.27 -14.08
CA PRO A 138 -17.23 3.41 -14.99
C PRO A 138 -17.16 4.70 -14.21
N PRO A 139 -16.73 5.79 -14.85
CA PRO A 139 -16.61 7.06 -14.14
C PRO A 139 -17.97 7.50 -13.62
N ILE A 140 -17.98 7.97 -12.38
CA ILE A 140 -19.17 8.48 -11.73
C ILE A 140 -18.80 9.80 -11.07
N VAL A 141 -19.58 10.84 -11.33
CA VAL A 141 -19.36 12.13 -10.71
C VAL A 141 -20.15 12.22 -9.41
N LEU A 142 -19.47 12.57 -8.33
CA LEU A 142 -20.06 12.65 -7.00
C LEU A 142 -20.30 14.11 -6.65
N ASN A 143 -21.58 14.46 -6.47
CA ASN A 143 -21.99 15.81 -6.06
C ASN A 143 -21.32 16.88 -6.92
N GLU A 144 -21.21 16.61 -8.22
CA GLU A 144 -20.61 17.52 -9.20
C GLU A 144 -19.22 17.97 -8.79
N ALA A 145 -18.53 17.20 -7.95
CA ALA A 145 -17.31 17.70 -7.34
C ALA A 145 -16.12 16.78 -7.48
N VAL A 146 -16.33 15.47 -7.44
CA VAL A 146 -15.25 14.49 -7.51
C VAL A 146 -15.67 13.40 -8.47
N THR A 147 -14.74 12.94 -9.30
CA THR A 147 -15.01 11.84 -10.22
C THR A 147 -14.18 10.63 -9.83
N ILE A 148 -14.80 9.45 -9.86
CA ILE A 148 -14.15 8.21 -9.48
C ILE A 148 -14.40 7.16 -10.56
N ALA A 149 -13.37 6.38 -10.88
CA ALA A 149 -13.47 5.32 -11.85
C ALA A 149 -12.45 4.25 -11.49
N GLU A 150 -12.71 3.01 -11.92
CA GLU A 150 -11.89 1.87 -11.52
C GLU A 150 -11.64 0.94 -12.69
N VAL A 151 -10.41 0.44 -12.78
CA VAL A 151 -10.06 -0.59 -13.75
C VAL A 151 -9.33 -1.68 -12.99
N LYS A 152 -9.32 -2.88 -13.57
CA LYS A 152 -8.65 -3.97 -12.89
C LYS A 152 -7.14 -3.77 -12.94
N LEU A 153 -6.47 -4.05 -11.81
CA LEU A 153 -5.03 -3.95 -11.71
C LEU A 153 -4.38 -5.33 -11.76
N TYR A 154 -4.64 -6.17 -10.78
CA TYR A 154 -4.25 -7.58 -10.78
C TYR A 154 -5.14 -8.31 -9.77
N GLY A 155 -5.36 -9.60 -10.01
CA GLY A 155 -6.28 -10.36 -9.15
C GLY A 155 -7.61 -9.64 -9.03
N ASP A 156 -8.05 -9.42 -7.79
CA ASP A 156 -9.28 -8.69 -7.54
C ASP A 156 -9.02 -7.28 -7.01
N VAL A 157 -7.80 -6.77 -7.24
CA VAL A 157 -7.41 -5.42 -6.86
C VAL A 157 -7.69 -4.49 -8.04
N VAL A 158 -8.24 -3.32 -7.75
CA VAL A 158 -8.51 -2.33 -8.79
C VAL A 158 -7.57 -1.14 -8.63
N LEU A 159 -7.24 -0.53 -9.77
CA LEU A 159 -6.62 0.78 -9.77
C LEU A 159 -7.75 1.80 -9.86
N ARG A 160 -7.87 2.65 -8.85
CA ARG A 160 -8.96 3.60 -8.76
C ARG A 160 -8.44 4.98 -9.13
N TYR A 161 -9.10 5.63 -10.09
CA TYR A 161 -8.78 7.00 -10.45
C TYR A 161 -9.71 7.96 -9.71
N VAL A 162 -9.14 8.99 -9.12
CA VAL A 162 -9.90 10.05 -8.44
C VAL A 162 -9.43 11.38 -8.99
N SER A 163 -10.38 12.26 -9.34
CA SER A 163 -10.04 13.61 -9.78
C SER A 163 -11.01 14.60 -9.14
N TYR A 164 -10.49 15.79 -8.83
CA TYR A 164 -11.25 16.83 -8.15
C TYR A 164 -11.35 18.06 -9.05
N LYS A 165 -12.56 18.62 -9.16
CA LYS A 165 -12.71 19.88 -9.89
C LYS A 165 -11.95 21.00 -9.20
N ALA A 166 -12.12 21.13 -7.90
CA ALA A 166 -11.39 22.14 -7.13
C ALA A 166 -10.19 21.53 -6.44
N GLU A 173 -13.73 16.35 3.48
CA GLU A 173 -13.00 16.72 2.28
C GLU A 173 -12.54 15.47 1.49
N PHE A 174 -12.75 14.28 2.06
CA PHE A 174 -12.31 13.06 1.39
C PHE A 174 -13.12 12.83 0.12
N LEU A 175 -14.37 12.41 0.28
CA LEU A 175 -15.31 12.20 -0.80
C LEU A 175 -16.65 12.78 -0.35
N PRO A 176 -17.49 13.21 -1.30
CA PRO A 176 -18.86 13.59 -0.92
C PRO A 176 -19.56 12.47 -0.19
N GLY A 177 -20.40 12.84 0.78
CA GLY A 177 -21.09 11.86 1.59
C GLY A 177 -20.31 11.38 2.79
N PHE A 178 -19.01 11.66 2.86
CA PHE A 178 -18.22 11.36 4.06
C PHE A 178 -18.32 12.56 5.00
N GLU A 179 -18.45 12.28 6.28
CA GLU A 179 -18.44 13.32 7.31
C GLU A 179 -17.11 13.33 8.05
N ARG A 180 -16.63 14.53 8.38
CA ARG A 180 -15.51 14.67 9.31
C ARG A 180 -15.92 14.11 10.67
N VAL A 181 -15.02 13.37 11.33
CA VAL A 181 -15.33 12.67 12.57
C VAL A 181 -15.24 13.63 13.76
N GLU A 182 -16.09 13.44 14.77
CA GLU A 182 -16.11 14.33 15.92
C GLU A 182 -14.77 14.32 16.65
N ASP A 183 -14.26 15.52 16.96
CA ASP A 183 -12.96 15.71 17.60
C ASP A 183 -12.72 14.77 18.76
N ALA A 184 -13.75 14.55 19.59
CA ALA A 184 -13.60 13.69 20.77
C ALA A 184 -13.25 12.26 20.35
N SER A 185 -13.90 11.74 19.32
CA SER A 185 -13.59 10.42 18.80
C SER A 185 -12.39 10.42 17.87
N SER A 186 -11.71 11.55 17.74
CA SER A 186 -10.58 11.70 16.81
C SER A 186 -9.32 12.08 17.60
N PHE A 187 -8.72 11.08 18.22
CA PHE A 187 -7.49 11.29 18.98
C PHE A 187 -6.31 11.51 18.05
N PRO A 188 -5.43 12.65 18.28
CA PRO A 188 -4.42 13.01 17.27
C PRO A 188 -3.18 12.13 17.32
N LEU A 189 -3.35 10.83 17.06
CA LEU A 189 -2.19 9.94 17.05
C LEU A 189 -1.27 10.27 15.89
N ASP A 190 0.03 10.11 16.09
CA ASP A 190 1.00 10.34 15.02
C ASP A 190 2.33 9.71 15.41
N TYR A 191 2.75 8.66 14.70
CA TYR A 191 4.07 8.06 14.94
C TYR A 191 5.07 8.43 13.85
N GLY A 192 4.75 9.39 13.00
CA GLY A 192 5.69 9.85 12.00
C GLY A 192 5.43 9.39 10.58
N ILE A 193 4.43 8.55 10.33
CA ILE A 193 4.18 8.12 8.96
C ILE A 193 3.56 9.27 8.18
N ARG A 194 4.02 9.45 6.93
CA ARG A 194 3.65 10.64 6.18
C ARG A 194 3.05 10.37 4.80
N ARG A 195 3.44 9.29 4.12
CA ARG A 195 2.80 9.05 2.83
C ARG A 195 3.04 7.62 2.37
N LEU A 196 2.30 7.21 1.35
CA LEU A 196 2.51 5.91 0.70
C LEU A 196 3.65 6.02 -0.31
N ASP A 197 4.68 5.20 -0.12
CA ASP A 197 5.82 5.26 -1.03
C ASP A 197 5.64 4.33 -2.22
N HIS A 198 5.19 3.10 -1.98
CA HIS A 198 4.92 2.20 -3.09
C HIS A 198 3.94 1.12 -2.64
N ALA A 199 3.31 0.48 -3.62
CA ALA A 199 2.30 -0.55 -3.38
C ALA A 199 2.62 -1.71 -4.31
N VAL A 200 2.77 -2.91 -3.75
CA VAL A 200 3.40 -4.03 -4.43
C VAL A 200 2.38 -5.15 -4.63
N GLY A 201 2.31 -5.68 -5.85
CA GLY A 201 1.44 -6.81 -6.15
C GLY A 201 2.22 -8.10 -6.32
N ASN A 202 1.61 -9.22 -5.93
CA ASN A 202 2.13 -10.55 -6.22
C ASN A 202 1.27 -11.18 -7.31
N VAL A 203 1.90 -11.75 -8.33
CA VAL A 203 1.17 -12.39 -9.43
C VAL A 203 1.85 -13.71 -9.77
N PRO A 204 1.11 -14.62 -10.42
CA PRO A 204 1.76 -15.85 -10.88
C PRO A 204 2.80 -15.62 -11.98
N GLU A 205 2.56 -14.67 -12.88
CA GLU A 205 3.43 -14.44 -14.04
C GLU A 205 3.68 -12.95 -14.21
N LEU A 206 4.94 -12.54 -14.01
CA LEU A 206 5.30 -11.13 -14.01
C LEU A 206 5.13 -10.49 -15.39
N GLY A 207 5.56 -11.18 -16.44
CA GLY A 207 5.58 -10.60 -17.78
C GLY A 207 4.23 -10.10 -18.24
N PRO A 208 3.23 -10.99 -18.26
CA PRO A 208 1.87 -10.54 -18.64
C PRO A 208 1.33 -9.45 -17.74
N ALA A 209 1.62 -9.51 -16.44
CA ALA A 209 1.15 -8.47 -15.53
C ALA A 209 1.76 -7.12 -15.90
N LEU A 210 3.08 -7.10 -16.13
CA LEU A 210 3.73 -5.85 -16.49
C LEU A 210 3.20 -5.32 -17.80
N THR A 211 3.11 -6.19 -18.81
CA THR A 211 2.62 -5.79 -20.12
C THR A 211 1.22 -5.18 -20.03
N TYR A 212 0.34 -5.82 -19.26
CA TYR A 212 -1.01 -5.32 -19.09
C TYR A 212 -1.01 -3.93 -18.45
N VAL A 213 -0.37 -3.78 -17.27
CA VAL A 213 -0.48 -2.52 -16.56
C VAL A 213 0.28 -1.41 -17.29
N ALA A 214 1.53 -1.66 -17.67
CA ALA A 214 2.25 -0.64 -18.44
C ALA A 214 1.53 -0.33 -19.75
N GLY A 215 0.82 -1.33 -20.29
CA GLY A 215 0.07 -1.12 -21.52
C GLY A 215 -0.98 -0.03 -21.40
N PHE A 216 -1.78 -0.05 -20.32
CA PHE A 216 -2.88 0.91 -20.25
C PHE A 216 -2.52 2.20 -19.51
N THR A 217 -1.43 2.22 -18.75
CA THR A 217 -1.04 3.43 -18.04
C THR A 217 0.01 4.24 -18.76
N GLY A 218 0.88 3.59 -19.52
CA GLY A 218 2.07 4.27 -19.97
C GLY A 218 3.15 4.39 -18.93
N PHE A 219 2.98 3.73 -17.77
CA PHE A 219 4.03 3.72 -16.75
C PHE A 219 5.26 3.00 -17.28
N HIS A 220 6.43 3.51 -16.92
CA HIS A 220 7.68 2.93 -17.41
C HIS A 220 8.32 2.09 -16.32
N GLN A 221 9.26 1.24 -16.75
CA GLN A 221 10.01 0.44 -15.79
C GLN A 221 11.04 1.32 -15.08
N PHE A 222 11.02 1.27 -13.75
CA PHE A 222 11.92 2.07 -12.93
C PHE A 222 13.25 1.34 -12.79
N ALA A 223 14.34 2.12 -12.89
CA ALA A 223 15.74 1.68 -12.66
C ALA A 223 15.98 0.18 -12.48
N GLU A 234 19.30 -14.86 -5.63
CA GLU A 234 18.52 -15.99 -6.14
C GLU A 234 17.67 -16.60 -5.03
N SER A 235 16.69 -15.84 -4.53
CA SER A 235 15.95 -16.29 -3.35
C SER A 235 14.50 -15.77 -3.42
N GLY A 236 13.68 -16.47 -4.19
CA GLY A 236 12.25 -16.34 -4.03
C GLY A 236 11.44 -15.72 -5.16
N LEU A 237 11.95 -14.68 -5.83
CA LEU A 237 11.09 -13.90 -6.70
C LEU A 237 11.84 -13.33 -7.87
N ASN A 238 11.08 -12.91 -8.87
CA ASN A 238 11.48 -11.89 -9.84
C ASN A 238 10.54 -10.72 -9.69
N SER A 239 11.05 -9.52 -9.92
CA SER A 239 10.25 -8.32 -9.69
C SER A 239 10.66 -7.23 -10.66
N ALA A 240 9.73 -6.31 -10.89
CA ALA A 240 9.99 -5.10 -11.66
C ALA A 240 9.07 -4.02 -11.12
N VAL A 241 9.40 -2.77 -11.42
CA VAL A 241 8.69 -1.62 -10.86
C VAL A 241 8.18 -0.74 -11.99
N LEU A 242 6.88 -0.49 -12.01
CA LEU A 242 6.27 0.48 -12.92
C LEU A 242 6.12 1.82 -12.22
N ALA A 243 6.41 2.92 -12.93
CA ALA A 243 6.42 4.24 -12.31
C ALA A 243 5.76 5.27 -13.21
N SER A 244 5.12 6.26 -12.59
CA SER A 244 4.55 7.38 -13.31
C SER A 244 5.67 8.31 -13.79
N ASN A 245 5.27 9.42 -14.44
CA ASN A 245 6.25 10.30 -15.09
C ASN A 245 7.28 10.84 -14.09
N ASP A 246 6.84 11.38 -12.97
CA ASP A 246 7.77 11.91 -11.98
C ASP A 246 8.20 10.85 -10.97
N GLU A 247 7.77 9.59 -11.17
CA GLU A 247 8.19 8.45 -10.38
C GLU A 247 7.78 8.57 -8.91
N MET A 248 6.64 9.24 -8.68
CA MET A 248 6.02 9.34 -7.36
C MET A 248 4.93 8.29 -7.16
N VAL A 249 4.35 7.78 -8.22
CA VAL A 249 3.47 6.61 -8.13
C VAL A 249 4.32 5.41 -8.56
N LEU A 250 4.53 4.49 -7.62
CA LEU A 250 5.47 3.39 -7.82
C LEU A 250 4.72 2.10 -7.53
N LEU A 251 4.72 1.19 -8.50
CA LEU A 251 3.94 -0.05 -8.43
C LEU A 251 4.83 -1.22 -8.78
N PRO A 252 5.60 -1.73 -7.82
CA PRO A 252 6.33 -2.98 -8.05
C PRO A 252 5.38 -4.17 -8.16
N ILE A 253 5.84 -5.21 -8.87
CA ILE A 253 5.10 -6.46 -9.05
C ILE A 253 6.10 -7.60 -8.94
N ASN A 254 5.74 -8.64 -8.18
CA ASN A 254 6.56 -9.83 -7.96
C ASN A 254 5.91 -11.05 -8.59
N GLU A 255 6.76 -11.97 -9.06
CA GLU A 255 6.33 -13.32 -9.42
C GLU A 255 7.18 -14.32 -8.64
N PRO A 256 6.70 -15.52 -8.37
CA PRO A 256 7.51 -16.49 -7.64
C PRO A 256 8.59 -17.08 -8.54
N VAL A 257 9.62 -17.63 -7.89
CA VAL A 257 10.63 -18.45 -8.56
C VAL A 257 10.58 -19.82 -7.91
N HIS A 258 10.16 -20.83 -8.68
CA HIS A 258 9.87 -22.14 -8.14
C HIS A 258 11.14 -23.01 -8.10
N GLY A 259 11.05 -24.11 -7.35
CA GLY A 259 12.14 -25.07 -7.24
C GLY A 259 13.24 -24.70 -6.28
N THR A 260 13.14 -23.56 -5.60
CA THR A 260 14.18 -23.08 -4.72
C THR A 260 14.27 -23.92 -3.45
N LYS A 261 15.41 -23.79 -2.76
CA LYS A 261 15.63 -24.51 -1.51
C LYS A 261 14.53 -24.20 -0.50
N ARG A 262 14.39 -22.93 -0.13
CA ARG A 262 13.25 -22.47 0.66
C ARG A 262 12.11 -22.12 -0.28
N LYS A 263 10.89 -22.47 0.13
CA LYS A 263 9.71 -22.21 -0.69
C LYS A 263 9.52 -20.70 -0.85
N SER A 264 9.16 -20.28 -2.07
CA SER A 264 9.00 -18.87 -2.35
C SER A 264 7.88 -18.26 -1.52
N GLN A 265 8.17 -17.15 -0.85
CA GLN A 265 7.12 -16.43 -0.13
C GLN A 265 6.09 -15.84 -1.08
N ILE A 266 6.45 -15.63 -2.36
CA ILE A 266 5.45 -15.20 -3.33
C ILE A 266 4.45 -16.31 -3.60
N GLN A 267 4.95 -17.55 -3.72
CA GLN A 267 4.06 -18.69 -3.94
C GLN A 267 3.17 -18.93 -2.74
N THR A 268 3.74 -18.89 -1.52
CA THR A 268 2.91 -19.00 -0.31
C THR A 268 1.80 -17.96 -0.33
N TYR A 269 2.14 -16.71 -0.67
CA TYR A 269 1.13 -15.67 -0.80
C TYR A 269 0.02 -16.11 -1.74
N LEU A 270 0.37 -16.53 -2.97
CA LEU A 270 -0.65 -16.88 -3.94
C LEU A 270 -1.54 -18.01 -3.43
N GLU A 271 -0.95 -18.97 -2.73
CA GLU A 271 -1.74 -20.08 -2.21
C GLU A 271 -2.72 -19.63 -1.14
N HIS A 272 -2.25 -18.85 -0.16
CA HIS A 272 -3.11 -18.46 0.95
C HIS A 272 -4.08 -17.34 0.56
N ASN A 273 -3.73 -16.53 -0.43
CA ASN A 273 -4.59 -15.44 -0.88
C ASN A 273 -5.62 -15.88 -1.90
N GLU A 274 -5.55 -17.12 -2.38
CA GLU A 274 -6.31 -17.56 -3.55
C GLU A 274 -5.99 -16.70 -4.76
N GLY A 275 -4.70 -16.54 -5.04
CA GLY A 275 -4.25 -15.92 -6.27
C GLY A 275 -3.66 -14.55 -6.07
N ALA A 276 -3.54 -13.84 -7.19
CA ALA A 276 -2.84 -12.55 -7.19
C ALA A 276 -3.55 -11.55 -6.28
N GLY A 277 -2.76 -10.61 -5.77
CA GLY A 277 -3.29 -9.53 -4.96
C GLY A 277 -2.16 -8.65 -4.47
N LEU A 278 -2.53 -7.68 -3.63
CA LEU A 278 -1.53 -6.76 -3.12
C LEU A 278 -0.73 -7.41 -2.00
N GLN A 279 0.60 -7.38 -2.14
CA GLN A 279 1.52 -8.00 -1.17
C GLN A 279 1.89 -7.05 -0.04
N HIS A 280 2.41 -5.86 -0.35
CA HIS A 280 2.75 -4.99 0.74
C HIS A 280 2.59 -3.52 0.35
N LEU A 281 2.33 -2.73 1.38
CA LEU A 281 2.26 -1.27 1.30
C LEU A 281 3.49 -0.72 2.01
N ALA A 282 4.25 0.12 1.31
CA ALA A 282 5.41 0.76 1.92
C ALA A 282 5.08 2.19 2.31
N LEU A 283 5.21 2.50 3.60
CA LEU A 283 4.78 3.76 4.19
C LEU A 283 6.02 4.55 4.57
N MET A 284 6.19 5.71 3.96
CA MET A 284 7.32 6.56 4.27
C MET A 284 7.12 7.25 5.60
N SER A 285 8.15 7.22 6.44
CA SER A 285 8.20 7.91 7.72
C SER A 285 9.12 9.12 7.59
N GLU A 286 8.77 10.22 8.27
CA GLU A 286 9.71 11.34 8.39
C GLU A 286 10.76 11.09 9.47
N ASP A 287 10.62 10.03 10.27
CA ASP A 287 11.62 9.70 11.28
C ASP A 287 11.39 8.22 11.61
N ILE A 288 12.07 7.35 10.87
CA ILE A 288 11.79 5.92 10.98
C ILE A 288 12.11 5.41 12.37
N PHE A 289 13.08 6.03 13.06
CA PHE A 289 13.40 5.55 14.40
C PHE A 289 12.28 5.85 15.37
N ARG A 290 11.68 7.04 15.30
CA ARG A 290 10.52 7.30 16.15
C ARG A 290 9.37 6.38 15.77
N THR A 291 9.11 6.21 14.47
CA THR A 291 8.00 5.35 14.06
C THR A 291 8.15 3.95 14.61
N LEU A 292 9.35 3.39 14.51
CA LEU A 292 9.54 2.01 14.94
C LEU A 292 9.55 1.90 16.45
N ARG A 293 10.08 2.89 17.16
CA ARG A 293 9.96 2.85 18.62
C ARG A 293 8.49 2.84 19.02
N GLU A 294 7.68 3.69 18.40
CA GLU A 294 6.29 3.79 18.79
C GLU A 294 5.50 2.55 18.39
N MET A 295 5.74 2.03 17.19
CA MET A 295 5.03 0.82 16.78
C MET A 295 5.44 -0.38 17.62
N ARG A 296 6.74 -0.52 17.93
CA ARG A 296 7.18 -1.68 18.69
C ARG A 296 6.69 -1.63 20.14
N LYS A 297 6.50 -0.44 20.71
CA LYS A 297 5.90 -0.35 22.03
C LYS A 297 4.51 -0.95 22.04
N ARG A 298 3.82 -0.90 20.92
CA ARG A 298 2.42 -1.30 20.85
C ARG A 298 2.20 -2.68 20.24
N SER A 299 3.28 -3.37 19.82
CA SER A 299 3.13 -4.66 19.14
C SER A 299 2.30 -5.65 19.95
N SER A 300 2.56 -5.73 21.26
CA SER A 300 1.92 -6.74 22.10
C SER A 300 0.67 -6.23 22.79
N ILE A 301 0.28 -4.99 22.52
CA ILE A 301 -0.94 -4.42 23.09
C ILE A 301 -1.84 -3.90 21.98
N GLY A 302 -1.98 -4.70 20.93
CA GLY A 302 -2.99 -4.44 19.90
C GLY A 302 -2.43 -3.96 18.58
N GLY A 303 -1.14 -3.64 18.52
CA GLY A 303 -0.56 -3.09 17.31
C GLY A 303 -0.04 -4.16 16.37
N PHE A 304 1.09 -3.90 15.73
CA PHE A 304 1.63 -4.77 14.70
C PHE A 304 2.96 -5.36 15.16
N ASP A 305 3.19 -6.60 14.78
CA ASP A 305 4.44 -7.30 15.03
C ASP A 305 5.38 -7.11 13.85
N PHE A 306 6.67 -7.25 14.10
CA PHE A 306 7.67 -7.09 13.07
C PHE A 306 8.39 -8.41 12.81
N MET A 307 8.93 -8.55 11.60
CA MET A 307 9.74 -9.69 11.21
C MET A 307 10.84 -9.90 12.25
N PRO A 308 11.33 -11.12 12.40
CA PRO A 308 12.45 -11.35 13.33
C PRO A 308 13.68 -10.54 12.92
N SER A 309 14.39 -10.04 13.91
CA SER A 309 15.46 -9.11 13.64
C SER A 309 16.64 -9.81 12.98
N PRO A 310 17.45 -9.07 12.23
CA PRO A 310 18.66 -9.65 11.65
C PRO A 310 19.66 -9.95 12.76
N PRO A 311 20.61 -10.86 12.50
CA PRO A 311 21.64 -11.15 13.51
C PRO A 311 22.55 -9.95 13.71
N PRO A 312 23.32 -9.93 14.81
CA PRO A 312 24.23 -8.79 15.03
C PRO A 312 25.24 -8.61 13.93
N THR A 313 25.59 -9.67 13.20
CA THR A 313 26.54 -9.56 12.11
C THR A 313 26.04 -8.60 11.03
N TYR A 314 24.73 -8.59 10.77
CA TYR A 314 24.18 -7.64 9.80
C TYR A 314 24.53 -6.22 10.20
N TYR A 315 24.41 -5.91 11.49
CA TYR A 315 24.67 -4.54 11.91
C TYR A 315 26.16 -4.26 12.01
N GLN A 316 26.96 -5.26 12.38
CA GLN A 316 28.41 -5.13 12.28
C GLN A 316 28.82 -4.77 10.85
N ASN A 317 28.23 -5.46 9.87
CA ASN A 317 28.57 -5.23 8.47
C ASN A 317 28.00 -3.92 7.93
N LEU A 318 27.14 -3.22 8.69
CA LEU A 318 26.61 -1.96 8.18
C LEU A 318 27.66 -0.86 8.16
N LYS A 319 28.64 -0.91 9.06
CA LYS A 319 29.68 0.10 9.08
C LYS A 319 30.36 0.21 7.72
N LYS A 320 30.79 -0.92 7.17
CA LYS A 320 31.46 -0.91 5.87
C LYS A 320 30.54 -0.45 4.75
N ARG A 321 29.23 -0.66 4.91
CA ARG A 321 28.30 -0.42 3.81
C ARG A 321 27.74 1.00 3.81
N VAL A 322 27.45 1.56 4.99
CA VAL A 322 26.74 2.83 5.05
C VAL A 322 27.35 3.74 6.10
N GLY A 323 28.55 3.39 6.59
CA GLY A 323 29.23 4.19 7.59
C GLY A 323 29.46 5.64 7.20
N ASP A 324 29.30 5.98 5.92
CA ASP A 324 29.39 7.35 5.47
C ASP A 324 28.04 8.07 5.47
N VAL A 325 26.95 7.34 5.71
CA VAL A 325 25.62 7.91 5.74
C VAL A 325 25.06 7.95 7.15
N LEU A 326 25.35 6.93 7.95
CA LEU A 326 24.82 6.78 9.29
C LEU A 326 25.96 6.73 10.30
N SER A 327 25.81 7.46 11.40
CA SER A 327 26.82 7.41 12.44
C SER A 327 26.77 6.08 13.18
N ASP A 328 27.72 5.88 14.08
CA ASP A 328 27.72 4.69 14.93
C ASP A 328 26.46 4.64 15.80
N ASP A 329 26.07 5.78 16.36
CA ASP A 329 24.83 5.84 17.14
C ASP A 329 23.62 5.50 16.27
N GLN A 330 23.54 6.12 15.08
CA GLN A 330 22.42 5.88 14.19
C GLN A 330 22.41 4.44 13.68
N ILE A 331 23.58 3.79 13.60
CA ILE A 331 23.61 2.38 13.24
C ILE A 331 23.19 1.52 14.41
N LYS A 332 23.71 1.80 15.61
CA LYS A 332 23.28 1.05 16.79
C LYS A 332 21.77 1.19 17.01
N GLU A 333 21.21 2.35 16.69
CA GLU A 333 19.77 2.55 16.79
C GLU A 333 19.02 1.68 15.78
N CYS A 334 19.58 1.50 14.59
CA CYS A 334 19.03 0.51 13.65
C CYS A 334 19.04 -0.88 14.27
N GLU A 335 20.11 -1.22 15.00
CA GLU A 335 20.23 -2.58 15.52
C GLU A 335 19.18 -2.88 16.58
N GLU A 336 18.89 -1.93 17.46
CA GLU A 336 17.92 -2.23 18.50
C GLU A 336 16.50 -2.34 17.93
N LEU A 337 16.23 -1.61 16.84
CA LEU A 337 14.90 -1.57 16.25
C LEU A 337 14.69 -2.58 15.13
N GLY A 338 15.74 -3.31 14.75
CA GLY A 338 15.62 -4.29 13.69
C GLY A 338 15.55 -3.72 12.29
N ILE A 339 15.97 -2.49 12.11
CA ILE A 339 15.86 -1.80 10.82
C ILE A 339 16.91 -2.35 9.85
N LEU A 340 16.51 -2.49 8.58
CA LEU A 340 17.37 -2.89 7.47
C LEU A 340 17.84 -1.65 6.71
N VAL A 341 19.02 -1.75 6.10
CA VAL A 341 19.59 -0.66 5.33
C VAL A 341 20.06 -1.21 3.98
N ASP A 342 19.68 -0.55 2.90
CA ASP A 342 20.23 -0.85 1.59
C ASP A 342 20.62 0.45 0.91
N ARG A 343 21.37 0.32 -0.18
CA ARG A 343 21.91 1.50 -0.83
C ARG A 343 21.90 1.35 -2.34
N ASP A 344 21.57 2.45 -3.01
CA ASP A 344 21.54 2.62 -4.45
C ASP A 344 22.91 3.15 -4.90
N ASP A 345 22.96 3.67 -6.14
CA ASP A 345 23.95 4.66 -6.51
C ASP A 345 23.45 6.08 -6.30
N GLN A 346 22.14 6.24 -6.11
CA GLN A 346 21.52 7.54 -5.87
C GLN A 346 21.46 7.85 -4.37
N GLY A 347 20.94 6.91 -3.58
CA GLY A 347 20.69 7.18 -2.18
C GLY A 347 20.65 5.95 -1.31
N THR A 348 20.19 6.13 -0.07
CA THR A 348 20.18 5.08 0.94
C THR A 348 18.76 4.89 1.44
N LEU A 349 18.43 3.65 1.78
CA LEU A 349 17.10 3.27 2.21
C LEU A 349 17.17 2.55 3.55
N LEU A 350 16.37 3.02 4.50
CA LEU A 350 16.12 2.30 5.74
C LEU A 350 14.73 1.67 5.64
N GLN A 351 14.61 0.39 6.01
CA GLN A 351 13.32 -0.30 5.85
C GLN A 351 13.13 -1.37 6.91
N ILE A 352 11.86 -1.71 7.16
CA ILE A 352 11.55 -2.84 8.02
C ILE A 352 10.16 -3.33 7.64
N PHE A 353 9.91 -4.60 7.88
CA PHE A 353 8.67 -5.25 7.46
C PHE A 353 7.90 -5.77 8.66
N THR A 354 6.59 -5.56 8.64
CA THR A 354 5.75 -6.16 9.66
C THR A 354 5.48 -7.62 9.33
N LYS A 355 5.08 -8.36 10.36
CA LYS A 355 4.41 -9.62 10.13
C LYS A 355 3.08 -9.35 9.43
N PRO A 356 2.45 -10.39 8.84
CA PRO A 356 1.20 -10.17 8.12
C PRO A 356 0.17 -9.42 8.97
N LEU A 357 -0.63 -8.60 8.30
CA LEU A 357 -1.55 -7.70 8.98
C LEU A 357 -2.76 -8.43 9.55
N GLY A 358 -3.09 -9.61 9.02
CA GLY A 358 -4.27 -10.34 9.48
C GLY A 358 -4.00 -11.82 9.61
N ASP A 359 -5.06 -12.63 9.53
CA ASP A 359 -4.93 -14.07 9.79
C ASP A 359 -4.03 -14.76 8.79
N ARG A 360 -4.08 -14.34 7.51
CA ARG A 360 -3.38 -15.11 6.48
C ARG A 360 -1.99 -14.55 6.23
N PRO A 361 -1.01 -15.45 5.82
CA PRO A 361 0.36 -14.99 5.50
C PRO A 361 0.40 -14.34 4.13
N THR A 362 -0.28 -13.20 4.01
CA THR A 362 -0.48 -12.54 2.72
C THR A 362 0.02 -11.10 2.78
N ILE A 363 -0.86 -10.15 3.08
CA ILE A 363 -0.47 -8.74 3.07
C ILE A 363 0.34 -8.38 4.32
N PHE A 364 1.36 -7.54 4.14
CA PHE A 364 2.10 -6.95 5.25
C PHE A 364 2.44 -5.51 4.89
N ILE A 365 3.09 -4.81 5.82
CA ILE A 365 3.44 -3.41 5.67
C ILE A 365 4.95 -3.27 5.78
N GLU A 366 5.50 -2.36 4.99
CA GLU A 366 6.89 -1.96 5.10
C GLU A 366 6.93 -0.52 5.59
N ILE A 367 7.80 -0.23 6.55
CA ILE A 367 8.08 1.15 6.93
C ILE A 367 9.41 1.52 6.30
N ILE A 368 9.50 2.71 5.71
CA ILE A 368 10.67 3.12 4.95
C ILE A 368 11.02 4.57 5.23
N GLN A 369 12.31 4.87 5.16
CA GLN A 369 12.74 6.26 5.04
C GLN A 369 13.94 6.29 4.11
N ARG A 370 13.98 7.31 3.27
CA ARG A 370 14.95 7.42 2.19
C ARG A 370 15.88 8.61 2.43
N VAL A 371 17.17 8.41 2.15
CA VAL A 371 18.19 9.43 2.38
C VAL A 371 18.89 9.70 1.05
N GLY A 372 18.80 10.94 0.59
CA GLY A 372 19.52 11.35 -0.62
C GLY A 372 18.64 11.86 -1.73
N CYS A 373 19.19 11.89 -2.95
CA CYS A 373 18.45 12.28 -4.17
C CYS A 373 17.68 13.57 -3.98
N MET A 374 18.37 14.60 -3.48
CA MET A 374 17.76 15.90 -3.31
C MET A 374 17.94 16.73 -4.59
N MET A 375 16.89 17.43 -4.97
CA MET A 375 16.92 18.32 -6.13
C MET A 375 16.33 19.68 -5.76
N TYR A 383 13.31 19.11 -2.93
CA TYR A 383 12.51 17.89 -2.86
C TYR A 383 13.37 16.65 -3.09
N GLN A 384 12.81 15.49 -2.75
CA GLN A 384 13.49 14.21 -2.94
C GLN A 384 12.85 13.46 -4.10
N SER A 385 13.68 12.90 -4.98
CA SER A 385 13.16 12.19 -6.14
C SER A 385 12.67 10.80 -5.73
N GLY A 386 11.69 10.29 -6.47
CA GLY A 386 11.03 9.06 -6.08
C GLY A 386 11.93 7.84 -6.18
N GLY A 387 11.68 6.88 -5.28
CA GLY A 387 12.45 5.66 -5.30
C GLY A 387 13.90 5.80 -4.90
N CYS A 388 14.28 6.93 -4.31
CA CYS A 388 15.66 7.15 -3.86
C CYS A 388 16.20 6.01 -2.99
N GLY A 389 17.16 5.26 -3.50
CA GLY A 389 17.76 4.18 -2.74
C GLY A 389 17.27 2.81 -3.12
N GLY A 390 16.23 2.71 -3.95
CA GLY A 390 15.76 1.44 -4.43
C GLY A 390 14.65 0.88 -3.56
N TYR A 391 14.56 -0.45 -3.49
CA TYR A 391 13.50 -1.13 -2.75
C TYR A 391 14.06 -2.16 -1.78
N GLY A 392 15.37 -2.19 -1.59
CA GLY A 392 15.98 -3.08 -0.63
C GLY A 392 16.30 -4.45 -1.16
N LYS A 393 16.35 -4.62 -2.48
CA LYS A 393 16.63 -5.94 -3.05
C LYS A 393 18.02 -6.42 -2.67
N GLY A 394 18.95 -5.50 -2.43
CA GLY A 394 20.26 -5.88 -1.92
C GLY A 394 20.24 -6.51 -0.54
N ASN A 395 19.13 -6.36 0.19
CA ASN A 395 19.02 -6.94 1.52
C ASN A 395 18.74 -8.43 1.50
N PHE A 396 18.33 -8.99 0.36
CA PHE A 396 18.23 -10.44 0.26
C PHE A 396 19.60 -11.07 0.41
N SER A 397 20.57 -10.62 -0.40
CA SER A 397 21.92 -11.15 -0.32
C SER A 397 22.55 -10.84 1.04
N GLU A 398 22.44 -9.60 1.50
CA GLU A 398 23.07 -9.20 2.75
C GLU A 398 22.51 -9.94 3.94
N LEU A 399 21.21 -10.26 3.93
CA LEU A 399 20.64 -11.01 5.03
C LEU A 399 21.21 -12.43 5.06
N PHE A 400 21.13 -13.14 3.93
CA PHE A 400 21.62 -14.52 3.87
C PHE A 400 23.09 -14.61 4.26
N LYS A 401 23.91 -13.68 3.78
CA LYS A 401 25.32 -13.66 4.17
C LYS A 401 25.48 -13.43 5.66
N SER A 402 24.74 -12.45 6.20
CA SER A 402 24.78 -12.19 7.64
C SER A 402 24.27 -13.38 8.44
N ILE A 403 23.31 -14.13 7.88
CA ILE A 403 22.87 -15.36 8.55
C ILE A 403 24.04 -16.31 8.73
N GLU A 404 24.70 -16.68 7.64
CA GLU A 404 25.81 -17.63 7.72
C GLU A 404 26.99 -17.05 8.48
N GLU A 405 27.28 -15.76 8.28
CA GLU A 405 28.34 -15.12 9.05
C GLU A 405 28.06 -15.15 10.54
N TYR A 406 26.79 -15.03 10.94
CA TYR A 406 26.46 -15.10 12.36
C TYR A 406 26.55 -16.52 12.90
N GLU A 407 26.33 -17.53 12.05
CA GLU A 407 26.61 -18.90 12.45
C GLU A 407 28.05 -19.03 12.95
N LYS A 408 28.97 -18.34 12.29
CA LYS A 408 30.35 -18.16 12.77
C LYS A 408 31.03 -19.48 13.14
CO CO B . 8.99 -2.56 -0.68
C10 92X C . 11.35 -6.21 -0.14
C13 92X C . 13.46 -6.92 0.66
C15 92X C . 11.49 -8.20 1.24
C17 92X C . 9.19 -7.37 0.34
C21 92X C . 11.22 -11.23 3.31
C22 92X C . 13.13 -9.88 2.65
C26 92X C . 10.57 -10.93 4.49
C28 92X C . 10.07 -13.24 4.81
C1 92X C . 10.80 -6.42 -4.65
C2 92X C . 10.92 -5.00 -5.23
C3 92X C . 9.81 -4.09 -4.73
C4 92X C . 9.76 -4.11 -3.20
C5 92X C . 10.38 -5.28 -2.46
C6 92X C . 10.71 -6.40 -3.11
O7 92X C . 10.60 -7.65 -2.50
C8 92X C . 10.53 -5.18 -0.95
O9 92X C . 9.23 -3.20 -2.61
O11 92X C . 10.05 -4.27 -0.34
C12 92X C . 12.70 -6.03 -0.07
C14 92X C . 12.85 -7.99 1.32
C16 92X C . 10.72 -7.27 0.50
C18 92X C . 10.97 -9.29 1.92
N19 92X C . 11.79 -10.10 2.59
O20 92X C . 9.82 -9.59 1.92
O23 92X C . 13.85 -10.60 3.26
N24 92X C . 13.64 -8.81 2.00
C25 92X C . 15.07 -8.58 2.06
C27 92X C . 9.99 -11.92 5.24
C29 92X C . 10.71 -13.55 3.64
C30 92X C . 11.29 -12.55 2.88
C31 92X C . 11.99 -12.93 1.58
#